data_4LFN
#
_entry.id   4LFN
#
_cell.length_a   108.261
_cell.length_b   116.009
_cell.length_c   54.752
_cell.angle_alpha   90.00
_cell.angle_beta   90.00
_cell.angle_gamma   90.00
#
_symmetry.space_group_name_H-M   'P 21 21 2'
#
loop_
_entity.id
_entity.type
_entity.pdbx_description
1 polymer 'Galactose-6-phosphate isomerase subunit A'
2 polymer 'Galactose-6-phosphate isomerase subunit B'
3 non-polymer D-ribulose
4 water water
#
loop_
_entity_poly.entity_id
_entity_poly.type
_entity_poly.pdbx_seq_one_letter_code
_entity_poly.pdbx_strand_id
1 'polypeptide(L)'
;MGSSHHHHHHSSGLVPRGSHMDVIIGADKDGFAMKEQVKKYLEEHQYRVADVTPEPAEDFVESSLAVTKKLLNSDAHKAI
MFDRYGVGSAMASNKVKGMVTAVVEEENTAHMTAEHNGAKAIAIGTGITGYDRALVIIQRYLDTEYAGGRHQIRLDMLEK
MI
;
A,C
2 'polypeptide(L)'
;MIIAIGNDHIVTMQKIEISNMLKDMGYTVIDEGTYDTHRTHYPIYGKKVAEDVADGRADLGIVMCGTGIGISTAADKNEG
IRAAMCDDVTSAVYAREQLNANVLGIGGAVVGVHLIQDIVKAYLDATYKETPENKKLIDKIDNIAKPNPDQKDNPHFFDA
ELEKWAEGVYHD
;
B,D
#
loop_
_chem_comp.id
_chem_comp.type
_chem_comp.name
_chem_comp.formula
RBL D-saccharide D-ribulose 'C5 H10 O5'
#
# COMPACT_ATOMS: atom_id res chain seq x y z
N MET A 21 -26.71 12.36 -4.14
CA MET A 21 -25.67 12.56 -3.09
C MET A 21 -24.73 13.71 -3.45
N ASP A 22 -24.41 14.55 -2.46
CA ASP A 22 -23.53 15.68 -2.68
C ASP A 22 -22.08 15.33 -2.35
N VAL A 23 -21.17 15.95 -3.09
CA VAL A 23 -19.74 15.73 -2.89
C VAL A 23 -19.02 17.06 -3.07
N ILE A 24 -18.20 17.43 -2.10
CA ILE A 24 -17.44 18.66 -2.19
C ILE A 24 -16.01 18.32 -2.57
N ILE A 25 -15.47 19.02 -3.55
CA ILE A 25 -14.09 18.76 -3.97
C ILE A 25 -13.26 20.05 -4.00
N GLY A 26 -11.95 19.88 -3.78
CA GLY A 26 -11.04 21.01 -3.79
C GLY A 26 -9.63 20.52 -4.05
N ALA A 27 -8.76 21.40 -4.55
CA ALA A 27 -7.39 21.01 -4.84
C ALA A 27 -6.44 22.19 -4.96
N ASP A 28 -5.15 21.93 -4.76
CA ASP A 28 -4.14 22.97 -4.91
C ASP A 28 -3.54 22.76 -6.30
N LYS A 29 -2.42 23.39 -6.59
CA LYS A 29 -1.82 23.23 -7.91
C LYS A 29 -1.42 21.80 -8.26
N ASP A 30 -0.89 21.06 -7.29
CA ASP A 30 -0.47 19.68 -7.52
C ASP A 30 -1.62 18.69 -7.68
N GLY A 31 -2.74 18.96 -7.01
CA GLY A 31 -3.86 18.05 -7.11
C GLY A 31 -4.92 18.44 -8.12
N PHE A 32 -4.75 19.60 -8.75
CA PHE A 32 -5.74 20.10 -9.71
C PHE A 32 -6.09 19.18 -10.89
N ALA A 33 -5.07 18.64 -11.55
CA ALA A 33 -5.30 17.76 -12.68
C ALA A 33 -6.21 16.59 -12.33
N MET A 34 -5.90 15.89 -11.25
CA MET A 34 -6.74 14.76 -10.87
C MET A 34 -8.13 15.23 -10.45
N LYS A 35 -8.19 16.36 -9.73
CA LYS A 35 -9.47 16.88 -9.28
C LYS A 35 -10.40 17.05 -10.47
N GLU A 36 -9.87 17.59 -11.56
CA GLU A 36 -10.65 17.80 -12.77
C GLU A 36 -11.18 16.51 -13.38
N GLN A 37 -10.34 15.47 -13.38
CA GLN A 37 -10.75 14.17 -13.92
C GLN A 37 -11.86 13.58 -13.06
N VAL A 38 -11.68 13.63 -11.75
CA VAL A 38 -12.66 13.09 -10.82
C VAL A 38 -13.99 13.85 -10.92
N LYS A 39 -13.91 15.16 -11.11
CA LYS A 39 -15.13 15.95 -11.23
C LYS A 39 -15.93 15.41 -12.43
N LYS A 40 -15.24 15.18 -13.53
CA LYS A 40 -15.87 14.64 -14.73
C LYS A 40 -16.49 13.28 -14.42
N TYR A 41 -15.74 12.46 -13.69
CA TYR A 41 -16.20 11.13 -13.31
C TYR A 41 -17.47 11.24 -12.47
N LEU A 42 -17.42 12.10 -11.45
CA LEU A 42 -18.55 12.29 -10.57
C LEU A 42 -19.81 12.76 -11.30
N GLU A 43 -19.67 13.72 -12.20
CA GLU A 43 -20.81 14.24 -12.94
C GLU A 43 -21.42 13.14 -13.81
N GLU A 44 -20.55 12.33 -14.43
CA GLU A 44 -21.01 11.24 -15.28
C GLU A 44 -21.79 10.20 -14.49
N HIS A 45 -21.58 10.17 -13.19
CA HIS A 45 -22.27 9.22 -12.33
C HIS A 45 -23.40 9.83 -11.51
N GLN A 46 -23.93 10.94 -12.00
CA GLN A 46 -25.07 11.64 -11.38
C GLN A 46 -24.84 12.32 -10.02
N TYR A 47 -23.58 12.46 -9.60
CA TYR A 47 -23.29 13.12 -8.33
C TYR A 47 -23.38 14.64 -8.48
N ARG A 48 -23.92 15.29 -7.47
CA ARG A 48 -24.01 16.75 -7.47
C ARG A 48 -22.71 17.23 -6.83
N VAL A 49 -21.84 17.80 -7.65
CA VAL A 49 -20.54 18.25 -7.18
C VAL A 49 -20.40 19.74 -6.91
N ALA A 50 -19.77 20.06 -5.78
CA ALA A 50 -19.50 21.44 -5.40
C ALA A 50 -17.98 21.59 -5.41
N ASP A 51 -17.48 22.24 -6.44
CA ASP A 51 -16.04 22.47 -6.60
C ASP A 51 -15.68 23.82 -6.00
N VAL A 52 -14.91 23.81 -4.91
CA VAL A 52 -14.52 25.06 -4.25
C VAL A 52 -13.23 25.65 -4.80
N THR A 53 -12.62 24.96 -5.77
CA THR A 53 -11.40 25.45 -6.37
C THR A 53 -11.41 25.34 -7.88
N PRO A 54 -12.26 26.13 -8.55
CA PRO A 54 -12.33 26.09 -10.02
C PRO A 54 -10.94 26.37 -10.58
N GLU A 55 -10.17 27.15 -9.83
CA GLU A 55 -8.79 27.47 -10.17
C GLU A 55 -8.00 26.87 -9.01
N PRO A 56 -6.79 26.34 -9.28
CA PRO A 56 -6.02 25.76 -8.18
C PRO A 56 -5.80 26.73 -7.01
N ALA A 57 -5.95 26.22 -5.79
CA ALA A 57 -5.75 27.02 -4.59
C ALA A 57 -4.27 27.35 -4.44
N GLU A 58 -3.98 28.39 -3.67
CA GLU A 58 -2.60 28.83 -3.45
C GLU A 58 -1.74 27.68 -2.95
N ASP A 59 -2.26 26.93 -1.98
CA ASP A 59 -1.56 25.77 -1.42
C ASP A 59 -2.60 24.83 -0.84
N PHE A 60 -2.16 23.69 -0.30
CA PHE A 60 -3.10 22.72 0.24
C PHE A 60 -3.82 23.17 1.51
N VAL A 61 -3.25 24.15 2.22
CA VAL A 61 -3.93 24.60 3.42
C VAL A 61 -5.19 25.35 2.97
N GLU A 62 -5.04 26.19 1.95
CA GLU A 62 -6.17 26.96 1.44
C GLU A 62 -7.26 26.06 0.85
N SER A 63 -6.86 25.09 0.05
CA SER A 63 -7.82 24.19 -0.58
C SER A 63 -8.52 23.30 0.45
N SER A 64 -7.75 22.70 1.35
CA SER A 64 -8.33 21.81 2.36
C SER A 64 -9.27 22.57 3.30
N LEU A 65 -8.92 23.80 3.66
CA LEU A 65 -9.78 24.58 4.54
C LEU A 65 -11.02 25.04 3.79
N ALA A 66 -10.88 25.29 2.49
CA ALA A 66 -12.01 25.72 1.67
C ALA A 66 -13.02 24.59 1.59
N VAL A 67 -12.53 23.37 1.43
CA VAL A 67 -13.40 22.20 1.37
C VAL A 67 -14.08 22.00 2.72
N THR A 68 -13.33 22.17 3.80
CA THR A 68 -13.86 22.01 5.14
C THR A 68 -14.99 22.98 5.44
N LYS A 69 -14.77 24.25 5.13
CA LYS A 69 -15.78 25.29 5.38
C LYS A 69 -17.06 24.99 4.62
N LYS A 70 -16.93 24.68 3.34
CA LYS A 70 -18.08 24.38 2.50
C LYS A 70 -18.83 23.15 3.02
N LEU A 71 -18.07 22.15 3.46
CA LEU A 71 -18.64 20.92 3.98
C LEU A 71 -19.42 21.09 5.29
N LEU A 72 -18.76 21.63 6.30
CA LEU A 72 -19.38 21.83 7.60
C LEU A 72 -20.56 22.80 7.57
N ASN A 73 -20.74 23.49 6.45
CA ASN A 73 -21.83 24.45 6.31
C ASN A 73 -22.86 23.97 5.31
N SER A 74 -22.58 22.86 4.65
CA SER A 74 -23.48 22.30 3.65
C SER A 74 -24.18 21.06 4.20
N ASP A 75 -25.08 20.49 3.40
CA ASP A 75 -25.82 19.30 3.81
C ASP A 75 -25.10 18.05 3.30
N ALA A 76 -23.97 18.25 2.64
CA ALA A 76 -23.19 17.14 2.11
C ALA A 76 -22.39 16.49 3.24
N HIS A 77 -22.10 15.20 3.10
CA HIS A 77 -21.31 14.50 4.11
C HIS A 77 -20.17 13.73 3.46
N LYS A 78 -19.84 14.10 2.23
CA LYS A 78 -18.76 13.48 1.47
C LYS A 78 -17.94 14.58 0.82
N ALA A 79 -16.62 14.46 0.88
CA ALA A 79 -15.74 15.46 0.29
C ALA A 79 -14.41 14.83 -0.11
N ILE A 80 -13.75 15.41 -1.11
CA ILE A 80 -12.47 14.91 -1.58
C ILE A 80 -11.50 16.07 -1.76
N MET A 81 -10.34 15.96 -1.13
CA MET A 81 -9.29 16.96 -1.21
C MET A 81 -8.15 16.38 -2.02
N PHE A 82 -7.57 17.19 -2.90
CA PHE A 82 -6.46 16.73 -3.73
C PHE A 82 -5.23 17.60 -3.57
N ASP A 83 -4.09 16.96 -3.36
CA ASP A 83 -2.81 17.66 -3.30
C ASP A 83 -1.74 16.66 -3.68
N ARG A 84 -0.48 17.02 -3.57
CA ARG A 84 0.57 16.11 -3.98
C ARG A 84 0.70 14.85 -3.14
N TYR A 85 0.61 14.98 -1.82
CA TYR A 85 0.78 13.82 -0.96
C TYR A 85 -0.40 13.41 -0.06
N GLY A 86 -1.44 14.23 -0.02
CA GLY A 86 -2.58 13.90 0.82
C GLY A 86 -2.37 14.29 2.27
N VAL A 87 -1.19 13.96 2.78
CA VAL A 87 -0.79 14.24 4.15
C VAL A 87 -1.08 15.68 4.59
N GLY A 88 -0.67 16.63 3.74
CA GLY A 88 -0.88 18.03 4.07
C GLY A 88 -2.32 18.46 4.23
N SER A 89 -3.18 18.09 3.27
CA SER A 89 -4.58 18.48 3.32
C SER A 89 -5.26 17.92 4.58
N ALA A 90 -4.85 16.72 4.98
CA ALA A 90 -5.43 16.10 6.18
C ALA A 90 -4.90 16.79 7.43
N MET A 91 -3.59 17.01 7.48
CA MET A 91 -2.95 17.65 8.62
C MET A 91 -3.58 19.02 8.89
N ALA A 92 -3.75 19.79 7.82
CA ALA A 92 -4.33 21.13 7.95
C ALA A 92 -5.81 21.10 8.30
N SER A 93 -6.62 20.41 7.49
CA SER A 93 -8.05 20.37 7.74
C SER A 93 -8.44 19.74 9.08
N ASN A 94 -7.66 18.77 9.57
CA ASN A 94 -7.99 18.16 10.85
C ASN A 94 -7.82 19.10 12.03
N LYS A 95 -7.19 20.25 11.80
CA LYS A 95 -7.03 21.23 12.88
C LYS A 95 -8.35 21.95 13.14
N VAL A 96 -9.26 21.88 12.17
CA VAL A 96 -10.57 22.53 12.32
C VAL A 96 -11.45 21.72 13.28
N LYS A 97 -12.02 22.38 14.27
CA LYS A 97 -12.88 21.69 15.23
C LYS A 97 -14.08 21.03 14.55
N GLY A 98 -14.26 19.74 14.80
CA GLY A 98 -15.37 19.00 14.22
C GLY A 98 -15.06 18.33 12.90
N MET A 99 -13.93 18.67 12.30
CA MET A 99 -13.54 18.08 11.02
C MET A 99 -12.79 16.77 11.21
N VAL A 100 -12.97 15.85 10.28
CA VAL A 100 -12.31 14.55 10.30
C VAL A 100 -11.94 14.24 8.85
N THR A 101 -10.65 14.29 8.54
CA THR A 101 -10.17 14.02 7.19
C THR A 101 -9.24 12.84 7.14
N ALA A 102 -9.51 11.93 6.22
CA ALA A 102 -8.69 10.74 6.08
C ALA A 102 -7.82 10.73 4.84
N VAL A 103 -6.51 10.57 5.02
CA VAL A 103 -5.61 10.45 3.88
C VAL A 103 -5.88 9.01 3.44
N VAL A 104 -6.16 8.78 2.16
CA VAL A 104 -6.42 7.43 1.70
C VAL A 104 -5.57 7.06 0.49
N GLU A 105 -4.85 5.95 0.60
CA GLU A 105 -4.02 5.47 -0.50
C GLU A 105 -4.24 4.00 -0.83
N GLU A 106 -5.20 3.37 -0.15
CA GLU A 106 -5.54 1.99 -0.48
C GLU A 106 -7.04 1.74 -0.27
N GLU A 107 -7.51 0.65 -0.85
CA GLU A 107 -8.92 0.32 -0.86
C GLU A 107 -9.63 -0.17 0.39
N ASN A 108 -8.90 -0.47 1.46
CA ASN A 108 -9.58 -0.89 2.67
C ASN A 108 -9.96 0.34 3.47
N THR A 109 -9.01 1.24 3.66
CA THR A 109 -9.28 2.46 4.41
C THR A 109 -10.38 3.26 3.71
N ALA A 110 -10.40 3.19 2.38
CA ALA A 110 -11.39 3.91 1.57
C ALA A 110 -12.80 3.73 2.14
N HIS A 111 -13.15 2.50 2.53
CA HIS A 111 -14.48 2.29 3.10
C HIS A 111 -14.48 2.28 4.62
N MET A 112 -13.46 1.70 5.23
CA MET A 112 -13.42 1.63 6.68
C MET A 112 -13.43 3.00 7.37
N THR A 113 -12.77 4.00 6.78
CA THR A 113 -12.76 5.30 7.44
C THR A 113 -14.16 5.93 7.43
N ALA A 114 -14.95 5.62 6.40
CA ALA A 114 -16.31 6.11 6.35
C ALA A 114 -17.16 5.34 7.36
N GLU A 115 -17.05 4.01 7.35
CA GLU A 115 -17.82 3.17 8.26
C GLU A 115 -17.56 3.46 9.75
N HIS A 116 -16.30 3.53 10.12
CA HIS A 116 -15.92 3.77 11.52
C HIS A 116 -15.76 5.23 11.90
N ASN A 117 -15.03 5.99 11.07
CA ASN A 117 -14.79 7.39 11.38
C ASN A 117 -15.85 8.32 10.77
N GLY A 118 -15.77 9.59 11.14
CA GLY A 118 -16.72 10.55 10.61
C GLY A 118 -16.38 10.76 9.15
N ALA A 119 -15.12 10.51 8.82
CA ALA A 119 -14.60 10.67 7.47
C ALA A 119 -15.46 11.65 6.70
N LYS A 120 -15.39 12.92 7.09
CA LYS A 120 -16.15 13.96 6.43
C LYS A 120 -15.50 14.25 5.10
N ALA A 121 -14.26 13.81 4.94
CA ALA A 121 -13.54 14.01 3.70
C ALA A 121 -12.37 13.06 3.60
N ILE A 122 -11.91 12.79 2.37
CA ILE A 122 -10.73 11.96 2.18
C ILE A 122 -9.75 12.82 1.40
N ALA A 123 -8.45 12.57 1.62
CA ALA A 123 -7.41 13.32 0.93
C ALA A 123 -6.59 12.36 0.08
N ILE A 124 -6.42 12.72 -1.18
CA ILE A 124 -5.66 11.89 -2.10
C ILE A 124 -4.41 12.62 -2.59
N GLY A 125 -3.28 11.95 -2.52
CA GLY A 125 -2.02 12.53 -2.97
C GLY A 125 -1.76 12.12 -4.41
N THR A 126 -1.80 13.07 -5.32
CA THR A 126 -1.60 12.78 -6.74
C THR A 126 -0.22 12.26 -7.09
N GLY A 127 0.75 12.50 -6.21
CA GLY A 127 2.10 12.02 -6.47
C GLY A 127 2.28 10.64 -5.87
N ILE A 128 1.28 10.21 -5.12
CA ILE A 128 1.30 8.91 -4.44
C ILE A 128 0.38 7.87 -5.08
N THR A 129 -0.84 8.29 -5.36
CA THR A 129 -1.87 7.41 -5.90
C THR A 129 -2.22 7.61 -7.37
N GLY A 130 -2.14 6.53 -8.15
CA GLY A 130 -2.48 6.59 -9.56
C GLY A 130 -3.97 6.82 -9.78
N TYR A 131 -4.34 7.35 -10.94
CA TYR A 131 -5.74 7.65 -11.22
C TYR A 131 -6.75 6.50 -11.12
N ASP A 132 -6.44 5.36 -11.74
CA ASP A 132 -7.35 4.23 -11.69
C ASP A 132 -7.59 3.79 -10.26
N ARG A 133 -6.55 3.80 -9.44
CA ARG A 133 -6.69 3.40 -8.05
C ARG A 133 -7.47 4.46 -7.27
N ALA A 134 -7.22 5.73 -7.57
CA ALA A 134 -7.92 6.82 -6.90
C ALA A 134 -9.43 6.69 -7.12
N LEU A 135 -9.84 6.32 -8.33
CA LEU A 135 -11.26 6.16 -8.62
C LEU A 135 -11.88 5.03 -7.81
N VAL A 136 -11.17 3.93 -7.63
CA VAL A 136 -11.71 2.82 -6.84
C VAL A 136 -11.84 3.28 -5.39
N ILE A 137 -10.82 4.00 -4.92
CA ILE A 137 -10.82 4.51 -3.55
C ILE A 137 -12.01 5.44 -3.35
N ILE A 138 -12.17 6.37 -4.28
CA ILE A 138 -13.26 7.33 -4.22
C ILE A 138 -14.64 6.68 -4.25
N GLN A 139 -14.84 5.74 -5.17
CA GLN A 139 -16.14 5.09 -5.25
C GLN A 139 -16.45 4.30 -3.97
N ARG A 140 -15.45 3.63 -3.41
CA ARG A 140 -15.68 2.87 -2.18
C ARG A 140 -16.04 3.82 -1.05
N TYR A 141 -15.36 4.96 -1.01
CA TYR A 141 -15.62 5.95 0.03
C TYR A 141 -17.06 6.47 -0.10
N LEU A 142 -17.43 6.87 -1.32
CA LEU A 142 -18.78 7.39 -1.56
C LEU A 142 -19.88 6.37 -1.33
N ASP A 143 -19.59 5.09 -1.55
CA ASP A 143 -20.60 4.04 -1.38
C ASP A 143 -20.80 3.56 0.05
N THR A 144 -19.95 4.02 0.96
CA THR A 144 -20.03 3.59 2.35
C THR A 144 -20.60 4.57 3.35
N GLU A 145 -21.56 4.11 4.13
CA GLU A 145 -22.18 4.96 5.13
C GLU A 145 -21.59 4.72 6.52
N TYR A 146 -21.62 5.75 7.35
CA TYR A 146 -21.14 5.68 8.72
C TYR A 146 -22.00 4.69 9.50
N ALA A 147 -21.37 3.82 10.27
CA ALA A 147 -22.09 2.79 11.03
C ALA A 147 -22.67 3.25 12.36
N GLY A 148 -22.15 4.34 12.90
CA GLY A 148 -22.66 4.81 14.18
C GLY A 148 -22.47 3.77 15.26
N GLY A 149 -23.44 3.66 16.18
CA GLY A 149 -23.31 2.68 17.24
C GLY A 149 -22.11 2.93 18.15
N ARG A 150 -21.32 1.89 18.39
CA ARG A 150 -20.17 2.02 19.28
C ARG A 150 -19.15 3.04 18.80
N HIS A 151 -19.07 3.24 17.48
CA HIS A 151 -18.11 4.17 16.92
C HIS A 151 -18.36 5.63 17.29
N GLN A 152 -19.60 5.95 17.66
CA GLN A 152 -19.92 7.33 18.00
C GLN A 152 -19.10 7.90 19.17
N ILE A 153 -18.71 7.06 20.11
CA ILE A 153 -17.93 7.57 21.23
C ILE A 153 -16.63 8.18 20.75
N ARG A 154 -15.98 7.54 19.78
CA ARG A 154 -14.71 8.05 19.28
C ARG A 154 -14.93 9.34 18.50
N LEU A 155 -16.04 9.43 17.77
CA LEU A 155 -16.32 10.64 17.01
C LEU A 155 -16.66 11.78 17.96
N ASP A 156 -17.36 11.46 19.05
CA ASP A 156 -17.71 12.47 20.05
C ASP A 156 -16.41 13.00 20.66
N MET A 157 -15.46 12.11 20.89
CA MET A 157 -14.18 12.53 21.46
C MET A 157 -13.42 13.44 20.50
N LEU A 158 -13.41 13.08 19.23
CA LEU A 158 -12.72 13.88 18.21
C LEU A 158 -13.33 15.26 18.04
N GLU A 159 -14.65 15.32 17.98
CA GLU A 159 -15.34 16.60 17.78
C GLU A 159 -15.18 17.55 18.96
N LYS A 160 -14.78 16.99 20.10
CA LYS A 160 -14.57 17.76 21.32
C LYS A 160 -13.20 18.44 21.32
N MET A 161 -12.28 17.89 20.53
CA MET A 161 -10.92 18.43 20.46
C MET A 161 -10.81 19.66 19.55
N ILE A 162 -9.73 20.43 19.71
CA ILE A 162 -9.53 21.63 18.92
C ILE A 162 -9.30 21.39 17.44
N MET B 1 17.42 9.94 21.90
CA MET B 1 16.11 10.54 21.52
C MET B 1 14.97 9.75 22.15
N ILE B 2 13.88 10.44 22.46
CA ILE B 2 12.71 9.82 23.07
C ILE B 2 11.52 9.77 22.11
N ILE B 3 10.94 8.58 21.95
CA ILE B 3 9.81 8.40 21.04
C ILE B 3 8.59 7.96 21.85
N ALA B 4 7.49 8.68 21.72
CA ALA B 4 6.27 8.30 22.42
C ALA B 4 5.45 7.52 21.41
N ILE B 5 4.85 6.41 21.84
CA ILE B 5 4.03 5.61 20.93
C ILE B 5 2.70 5.25 21.58
N GLY B 6 1.68 5.11 20.75
CA GLY B 6 0.34 4.79 21.24
C GLY B 6 -0.45 4.02 20.20
N ASN B 7 -1.56 3.42 20.63
CA ASN B 7 -2.35 2.61 19.70
C ASN B 7 -3.68 2.24 20.33
N ASP B 8 -4.60 1.72 19.51
CA ASP B 8 -5.86 1.25 20.06
C ASP B 8 -5.69 -0.27 20.07
N HIS B 9 -6.69 -0.99 20.58
CA HIS B 9 -6.64 -2.44 20.70
C HIS B 9 -6.50 -3.27 19.43
N ILE B 10 -6.83 -2.68 18.28
CA ILE B 10 -6.75 -3.42 17.02
C ILE B 10 -5.32 -3.70 16.57
N VAL B 11 -4.39 -2.83 16.95
CA VAL B 11 -3.01 -3.00 16.50
C VAL B 11 -1.93 -3.07 17.57
N THR B 12 -2.29 -3.53 18.76
CA THR B 12 -1.31 -3.65 19.85
C THR B 12 -0.10 -4.50 19.46
N MET B 13 -0.33 -5.57 18.69
CA MET B 13 0.77 -6.44 18.29
C MET B 13 1.74 -5.70 17.38
N GLN B 14 1.21 -4.90 16.46
CA GLN B 14 2.06 -4.13 15.56
C GLN B 14 2.82 -3.08 16.37
N LYS B 15 2.17 -2.49 17.37
CA LYS B 15 2.83 -1.48 18.20
C LYS B 15 4.01 -2.13 18.91
N ILE B 16 3.79 -3.34 19.43
CA ILE B 16 4.83 -4.05 20.14
C ILE B 16 6.04 -4.28 19.23
N GLU B 17 5.79 -4.64 17.98
CA GLU B 17 6.89 -4.87 17.04
C GLU B 17 7.69 -3.59 16.83
N ILE B 18 7.01 -2.47 16.70
CA ILE B 18 7.69 -1.20 16.49
C ILE B 18 8.44 -0.76 17.76
N SER B 19 7.86 -1.00 18.92
CA SER B 19 8.50 -0.64 20.18
C SER B 19 9.82 -1.40 20.29
N ASN B 20 9.78 -2.69 20.00
CA ASN B 20 10.97 -3.54 20.06
C ASN B 20 12.05 -2.98 19.14
N MET B 21 11.66 -2.69 17.90
CA MET B 21 12.59 -2.16 16.91
C MET B 21 13.20 -0.83 17.36
N LEU B 22 12.38 0.09 17.86
CA LEU B 22 12.88 1.38 18.31
C LEU B 22 13.93 1.22 19.40
N LYS B 23 13.68 0.33 20.34
CA LYS B 23 14.63 0.12 21.43
C LYS B 23 15.93 -0.49 20.92
N ASP B 24 15.83 -1.41 19.96
CA ASP B 24 17.03 -2.02 19.38
C ASP B 24 17.84 -0.95 18.66
N MET B 25 17.16 0.04 18.10
CA MET B 25 17.84 1.12 17.40
C MET B 25 18.47 2.15 18.33
N GLY B 26 18.18 2.02 19.63
CA GLY B 26 18.77 2.94 20.59
C GLY B 26 17.87 4.06 21.11
N TYR B 27 16.61 4.06 20.68
CA TYR B 27 15.66 5.06 21.12
C TYR B 27 15.10 4.71 22.49
N THR B 28 14.68 5.72 23.23
CA THR B 28 14.04 5.53 24.52
C THR B 28 12.58 5.62 24.14
N VAL B 29 11.78 4.66 24.58
CA VAL B 29 10.36 4.63 24.24
C VAL B 29 9.45 4.89 25.43
N ILE B 30 8.43 5.71 25.19
CA ILE B 30 7.41 5.99 26.20
C ILE B 30 6.14 5.42 25.58
N ASP B 31 5.74 4.25 26.04
CA ASP B 31 4.55 3.58 25.51
C ASP B 31 3.32 4.10 26.26
N GLU B 32 2.44 4.77 25.52
CA GLU B 32 1.20 5.34 26.06
C GLU B 32 -0.04 4.60 25.62
N GLY B 33 -0.05 4.23 24.33
CA GLY B 33 -1.17 3.51 23.70
C GLY B 33 -1.63 2.40 24.60
N THR B 34 -2.70 1.71 24.20
CA THR B 34 -3.20 0.65 25.07
C THR B 34 -2.24 -0.54 25.12
N TYR B 35 -2.17 -1.15 26.29
CA TYR B 35 -1.24 -2.25 26.55
C TYR B 35 -1.73 -3.66 26.26
N ASP B 36 -3.04 -3.83 26.11
CA ASP B 36 -3.59 -5.14 25.81
C ASP B 36 -4.46 -5.01 24.56
N THR B 37 -5.40 -5.93 24.35
CA THR B 37 -6.26 -5.84 23.18
C THR B 37 -7.74 -5.76 23.52
N HIS B 38 -8.02 -5.22 24.71
CA HIS B 38 -9.38 -5.04 25.20
C HIS B 38 -9.94 -3.79 24.50
N ARG B 39 -11.17 -3.88 24.01
CA ARG B 39 -11.79 -2.77 23.31
C ARG B 39 -11.64 -1.43 24.02
N THR B 40 -11.05 -0.47 23.31
CA THR B 40 -10.86 0.86 23.86
C THR B 40 -11.00 1.93 22.77
N HIS B 41 -10.60 3.17 23.07
CA HIS B 41 -10.81 4.29 22.15
C HIS B 41 -9.57 5.04 21.71
N TYR B 42 -9.32 5.04 20.41
CA TYR B 42 -8.13 5.67 19.87
C TYR B 42 -7.84 7.11 20.26
N PRO B 43 -8.87 7.96 20.49
CA PRO B 43 -8.51 9.34 20.84
C PRO B 43 -7.74 9.46 22.15
N ILE B 44 -8.02 8.57 23.09
CA ILE B 44 -7.34 8.59 24.38
C ILE B 44 -5.82 8.50 24.21
N TYR B 45 -5.36 7.57 23.40
CA TYR B 45 -3.94 7.36 23.23
C TYR B 45 -3.29 8.37 22.30
N GLY B 46 -4.05 8.80 21.29
CA GLY B 46 -3.53 9.82 20.38
C GLY B 46 -3.28 11.09 21.16
N LYS B 47 -4.18 11.43 22.09
CA LYS B 47 -4.00 12.64 22.89
C LYS B 47 -2.81 12.49 23.83
N LYS B 48 -2.66 11.32 24.43
CA LYS B 48 -1.54 11.11 25.35
C LYS B 48 -0.21 11.27 24.64
N VAL B 49 -0.08 10.66 23.47
CA VAL B 49 1.16 10.76 22.72
C VAL B 49 1.39 12.20 22.28
N ALA B 50 0.33 12.84 21.79
CA ALA B 50 0.43 14.24 21.36
C ALA B 50 1.00 15.13 22.46
N GLU B 51 0.46 15.00 23.68
CA GLU B 51 0.93 15.82 24.77
C GLU B 51 2.37 15.51 25.19
N ASP B 52 2.80 14.25 25.08
CA ASP B 52 4.18 13.92 25.42
C ASP B 52 5.11 14.72 24.51
N VAL B 53 4.76 14.78 23.23
CA VAL B 53 5.55 15.50 22.25
C VAL B 53 5.46 17.02 22.43
N ALA B 54 4.25 17.52 22.62
CA ALA B 54 4.03 18.95 22.79
C ALA B 54 4.63 19.51 24.07
N ASP B 55 4.65 18.71 25.12
CA ASP B 55 5.18 19.11 26.42
C ASP B 55 6.68 18.85 26.57
N GLY B 56 7.30 18.30 25.53
CA GLY B 56 8.72 18.04 25.59
C GLY B 56 9.16 16.79 26.32
N ARG B 57 8.22 15.90 26.62
CA ARG B 57 8.56 14.66 27.30
C ARG B 57 9.10 13.67 26.26
N ALA B 58 8.75 13.91 25.00
CA ALA B 58 9.20 13.08 23.89
C ALA B 58 9.53 13.96 22.69
N ASP B 59 10.48 13.52 21.88
CA ASP B 59 10.90 14.25 20.70
C ASP B 59 9.93 14.08 19.53
N LEU B 60 9.49 12.86 19.32
CA LEU B 60 8.55 12.55 18.24
C LEU B 60 7.55 11.52 18.73
N GLY B 61 6.45 11.37 17.99
CA GLY B 61 5.45 10.41 18.37
C GLY B 61 5.03 9.54 17.20
N ILE B 62 4.55 8.35 17.51
CA ILE B 62 4.08 7.42 16.49
C ILE B 62 2.78 6.84 17.03
N VAL B 63 1.70 6.95 16.25
CA VAL B 63 0.41 6.41 16.69
C VAL B 63 -0.18 5.49 15.64
N MET B 64 -0.82 4.42 16.09
CA MET B 64 -1.42 3.49 15.14
C MET B 64 -2.76 2.94 15.60
N CYS B 65 -3.63 2.71 14.63
CA CYS B 65 -4.92 2.08 14.89
C CYS B 65 -5.19 1.27 13.61
N GLY B 66 -6.36 0.64 13.50
CA GLY B 66 -6.62 -0.16 12.32
C GLY B 66 -6.19 0.51 11.02
N THR B 67 -6.69 1.71 10.78
CA THR B 67 -6.34 2.44 9.58
C THR B 67 -5.37 3.57 9.87
N GLY B 68 -5.28 3.96 11.13
CA GLY B 68 -4.40 5.06 11.52
C GLY B 68 -5.14 6.40 11.48
N ILE B 69 -6.22 6.46 10.71
CA ILE B 69 -6.98 7.71 10.58
C ILE B 69 -7.48 8.24 11.92
N GLY B 70 -8.10 7.37 12.71
CA GLY B 70 -8.64 7.82 13.98
C GLY B 70 -7.61 8.38 14.95
N ILE B 71 -6.60 7.60 15.24
CA ILE B 71 -5.59 8.02 16.19
C ILE B 71 -4.71 9.16 15.70
N SER B 72 -4.38 9.18 14.40
CA SER B 72 -3.54 10.27 13.90
C SER B 72 -4.33 11.58 13.89
N THR B 73 -5.64 11.50 13.64
CA THR B 73 -6.46 12.70 13.64
C THR B 73 -6.58 13.22 15.07
N ALA B 74 -6.73 12.30 16.03
CA ALA B 74 -6.81 12.70 17.43
C ALA B 74 -5.51 13.40 17.83
N ALA B 75 -4.38 12.83 17.40
CA ALA B 75 -3.09 13.42 17.73
C ALA B 75 -2.95 14.82 17.13
N ASP B 76 -3.40 14.98 15.89
CA ASP B 76 -3.31 16.25 15.19
C ASP B 76 -4.09 17.38 15.87
N LYS B 77 -5.17 17.01 16.56
CA LYS B 77 -6.04 17.97 17.24
C LYS B 77 -5.53 18.36 18.63
N ASN B 78 -4.27 18.76 18.68
CA ASN B 78 -3.60 19.16 19.93
C ASN B 78 -2.62 20.28 19.63
N GLU B 79 -2.41 21.14 20.62
CA GLU B 79 -1.47 22.25 20.47
C GLU B 79 -0.06 21.72 20.26
N GLY B 80 0.67 22.39 19.37
CA GLY B 80 2.05 22.04 19.09
C GLY B 80 2.32 20.82 18.24
N ILE B 81 1.27 20.17 17.76
CA ILE B 81 1.44 18.97 16.96
C ILE B 81 1.10 19.13 15.49
N ARG B 82 1.86 18.43 14.66
CA ARG B 82 1.65 18.37 13.21
C ARG B 82 1.74 16.87 12.96
N ALA B 83 0.59 16.21 12.96
CA ALA B 83 0.54 14.76 12.76
C ALA B 83 0.32 14.38 11.31
N ALA B 84 1.18 13.51 10.81
CA ALA B 84 1.09 13.06 9.42
C ALA B 84 0.64 11.60 9.32
N MET B 85 -0.45 11.39 8.60
CA MET B 85 -0.99 10.05 8.38
C MET B 85 -0.31 9.49 7.13
N CYS B 86 0.63 8.56 7.33
CA CYS B 86 1.40 8.01 6.22
C CYS B 86 1.52 6.48 6.17
N ASP B 87 0.81 5.85 5.23
CA ASP B 87 0.90 4.40 5.05
C ASP B 87 1.99 4.06 4.02
N ASP B 88 2.85 5.03 3.69
CA ASP B 88 3.92 4.79 2.73
C ASP B 88 5.17 5.58 3.08
N VAL B 89 6.31 5.13 2.60
CA VAL B 89 7.60 5.78 2.87
C VAL B 89 7.72 7.17 2.25
N THR B 90 7.28 7.30 1.01
CA THR B 90 7.39 8.57 0.29
C THR B 90 6.73 9.76 0.98
N SER B 91 5.46 9.61 1.38
CA SER B 91 4.78 10.71 2.05
C SER B 91 5.29 10.92 3.48
N ALA B 92 5.80 9.85 4.10
CA ALA B 92 6.32 9.96 5.45
C ALA B 92 7.59 10.81 5.43
N VAL B 93 8.44 10.59 4.43
CA VAL B 93 9.66 11.37 4.33
C VAL B 93 9.30 12.82 4.01
N TYR B 94 8.29 13.00 3.17
CA TYR B 94 7.83 14.33 2.83
C TYR B 94 7.32 15.02 4.09
N ALA B 95 6.57 14.28 4.89
CA ALA B 95 6.00 14.82 6.12
C ALA B 95 7.05 15.41 7.06
N ARG B 96 8.17 14.72 7.18
CA ARG B 96 9.25 15.16 8.06
C ARG B 96 10.10 16.28 7.43
N GLU B 97 10.52 16.06 6.18
CA GLU B 97 11.36 17.04 5.49
C GLU B 97 10.68 18.37 5.17
N GLN B 98 9.41 18.33 4.80
CA GLN B 98 8.69 19.54 4.42
C GLN B 98 7.75 20.14 5.46
N LEU B 99 7.05 19.29 6.21
CA LEU B 99 6.11 19.79 7.21
C LEU B 99 6.59 19.67 8.66
N ASN B 100 7.80 19.16 8.84
CA ASN B 100 8.39 18.98 10.16
C ASN B 100 7.39 18.28 11.08
N ALA B 101 6.68 17.29 10.53
CA ALA B 101 5.69 16.55 11.30
C ALA B 101 6.36 15.93 12.52
N ASN B 102 5.74 16.06 13.69
CA ASN B 102 6.33 15.50 14.90
C ASN B 102 5.55 14.29 15.43
N VAL B 103 4.52 13.88 14.69
CA VAL B 103 3.75 12.70 15.04
C VAL B 103 3.46 11.95 13.75
N LEU B 104 3.81 10.66 13.73
CA LEU B 104 3.60 9.81 12.57
C LEU B 104 2.46 8.84 12.85
N GLY B 105 1.49 8.79 11.95
CA GLY B 105 0.38 7.85 12.12
C GLY B 105 0.44 6.78 11.04
N ILE B 106 0.17 5.55 11.43
CA ILE B 106 0.20 4.44 10.48
C ILE B 106 -0.97 3.50 10.73
N GLY B 107 -1.46 2.90 9.66
CA GLY B 107 -2.56 1.97 9.80
C GLY B 107 -2.06 0.55 9.98
N GLY B 108 -2.11 0.05 11.23
CA GLY B 108 -1.73 -1.33 11.44
C GLY B 108 -2.92 -1.96 10.74
N ALA B 109 -2.98 -3.27 10.60
CA ALA B 109 -4.14 -3.86 9.91
C ALA B 109 -4.18 -3.58 8.41
N VAL B 110 -3.65 -2.46 7.92
CA VAL B 110 -3.64 -2.24 6.46
C VAL B 110 -2.23 -2.24 5.87
N VAL B 111 -1.23 -1.96 6.72
CA VAL B 111 0.15 -1.97 6.27
C VAL B 111 0.86 -3.16 6.93
N GLY B 112 1.60 -3.95 6.13
CA GLY B 112 2.32 -5.10 6.66
C GLY B 112 3.47 -4.66 7.55
N VAL B 113 3.81 -5.48 8.53
CA VAL B 113 4.88 -5.13 9.47
C VAL B 113 6.21 -4.69 8.84
N HIS B 114 6.66 -5.38 7.79
CA HIS B 114 7.92 -4.98 7.17
C HIS B 114 7.84 -3.57 6.59
N LEU B 115 6.71 -3.24 6.00
CA LEU B 115 6.56 -1.90 5.44
C LEU B 115 6.40 -0.89 6.57
N ILE B 116 5.74 -1.29 7.65
CA ILE B 116 5.60 -0.37 8.79
C ILE B 116 7.00 -0.02 9.30
N GLN B 117 7.87 -1.02 9.39
CA GLN B 117 9.22 -0.78 9.87
C GLN B 117 9.94 0.21 8.95
N ASP B 118 9.76 0.05 7.64
CA ASP B 118 10.39 0.94 6.66
C ASP B 118 9.87 2.36 6.78
N ILE B 119 8.57 2.51 6.99
CA ILE B 119 7.97 3.83 7.13
C ILE B 119 8.55 4.53 8.35
N VAL B 120 8.57 3.83 9.48
CA VAL B 120 9.10 4.38 10.72
C VAL B 120 10.57 4.78 10.56
N LYS B 121 11.38 3.86 10.04
CA LYS B 121 12.79 4.14 9.84
C LYS B 121 13.03 5.34 8.93
N ALA B 122 12.30 5.40 7.83
CA ALA B 122 12.44 6.50 6.88
C ALA B 122 12.04 7.83 7.50
N TYR B 123 10.95 7.81 8.26
CA TYR B 123 10.45 8.99 8.94
C TYR B 123 11.49 9.53 9.92
N LEU B 124 12.01 8.63 10.75
CA LEU B 124 13.01 9.00 11.75
C LEU B 124 14.32 9.45 11.15
N ASP B 125 14.75 8.79 10.08
CA ASP B 125 16.01 9.12 9.42
C ASP B 125 15.96 10.46 8.70
N ALA B 126 14.76 10.85 8.27
CA ALA B 126 14.57 12.11 7.56
C ALA B 126 14.83 13.27 8.51
N THR B 127 15.16 14.43 7.94
CA THR B 127 15.44 15.62 8.72
C THR B 127 14.69 16.80 8.12
N TYR B 128 14.10 17.63 8.97
CA TYR B 128 13.38 18.80 8.49
C TYR B 128 14.38 19.82 7.95
N LYS B 129 14.12 20.29 6.74
CA LYS B 129 14.98 21.28 6.09
C LYS B 129 14.12 22.47 5.73
N GLU B 130 14.20 23.51 6.55
CA GLU B 130 13.40 24.72 6.36
C GLU B 130 13.64 25.42 5.03
N THR B 131 12.55 25.93 4.46
CA THR B 131 12.59 26.68 3.21
C THR B 131 11.53 27.75 3.38
N PRO B 132 11.69 28.89 2.69
CA PRO B 132 10.70 29.96 2.83
C PRO B 132 9.29 29.45 2.56
N GLU B 133 9.19 28.51 1.63
CA GLU B 133 7.90 27.94 1.24
C GLU B 133 7.26 27.04 2.31
N ASN B 134 8.00 26.06 2.84
CA ASN B 134 7.40 25.19 3.84
C ASN B 134 7.28 25.84 5.21
N LYS B 135 8.10 26.85 5.47
CA LYS B 135 8.03 27.57 6.75
C LYS B 135 6.67 28.25 6.81
N LYS B 136 6.24 28.75 5.66
CA LYS B 136 4.97 29.45 5.53
C LYS B 136 3.79 28.49 5.67
N LEU B 137 3.93 27.30 5.10
CA LEU B 137 2.87 26.28 5.19
C LEU B 137 2.73 25.85 6.64
N ILE B 138 3.86 25.58 7.28
CA ILE B 138 3.89 25.17 8.67
C ILE B 138 3.26 26.23 9.57
N ASP B 139 3.61 27.50 9.35
CA ASP B 139 3.04 28.56 10.17
C ASP B 139 1.51 28.59 10.03
N LYS B 140 1.02 28.40 8.82
CA LYS B 140 -0.42 28.38 8.59
C LYS B 140 -1.07 27.25 9.39
N ILE B 141 -0.50 26.05 9.26
CA ILE B 141 -1.03 24.88 9.96
C ILE B 141 -1.02 25.07 11.48
N ASP B 142 0.04 25.67 12.01
CA ASP B 142 0.13 25.87 13.45
C ASP B 142 -0.86 26.90 13.99
N ASN B 143 -1.51 27.65 13.10
CA ASN B 143 -2.46 28.68 13.55
C ASN B 143 -3.92 28.48 13.16
N ILE B 144 -4.25 27.30 12.67
CA ILE B 144 -5.63 27.02 12.26
C ILE B 144 -6.53 26.82 13.47
N ALA B 145 -6.07 25.99 14.39
CA ALA B 145 -6.84 25.65 15.57
C ALA B 145 -6.81 26.71 16.67
N LYS B 146 -7.90 26.77 17.44
CA LYS B 146 -8.00 27.70 18.56
C LYS B 146 -7.71 26.92 19.83
N PRO B 147 -6.64 27.29 20.54
CA PRO B 147 -6.25 26.61 21.79
C PRO B 147 -7.37 26.56 22.84
N ASN B 148 -7.52 25.39 23.46
CA ASN B 148 -8.53 25.22 24.50
C ASN B 148 -7.82 24.78 25.77
N PRO B 149 -7.63 25.70 26.73
CA PRO B 149 -6.96 25.36 27.98
C PRO B 149 -7.59 24.19 28.74
N ASP B 150 -8.88 23.96 28.51
CA ASP B 150 -9.56 22.86 29.20
C ASP B 150 -9.13 21.50 28.65
N GLN B 151 -8.58 21.49 27.45
CA GLN B 151 -8.12 20.24 26.84
C GLN B 151 -6.64 20.02 27.14
N LYS B 152 -5.88 21.11 27.08
CA LYS B 152 -4.43 21.05 27.29
C LYS B 152 -4.04 20.45 28.65
N ASP B 153 -3.27 19.36 28.58
CA ASP B 153 -2.80 18.67 29.77
C ASP B 153 -3.88 18.19 30.74
N ASN B 154 -5.08 17.98 30.20
CA ASN B 154 -6.20 17.49 31.02
C ASN B 154 -6.46 16.04 30.62
N PRO B 155 -5.99 15.09 31.45
CA PRO B 155 -6.18 13.66 31.18
C PRO B 155 -7.61 13.19 31.38
N HIS B 156 -8.44 14.02 31.99
CA HIS B 156 -9.83 13.68 32.25
C HIS B 156 -10.76 14.23 31.18
N PHE B 157 -10.16 14.81 30.13
CA PHE B 157 -10.93 15.42 29.05
C PHE B 157 -12.05 14.56 28.44
N PHE B 158 -11.87 13.25 28.40
CA PHE B 158 -12.87 12.36 27.81
C PHE B 158 -13.73 11.60 28.81
N ASP B 159 -13.62 11.94 30.10
CA ASP B 159 -14.37 11.24 31.14
C ASP B 159 -15.88 11.17 30.93
N ALA B 160 -16.48 12.23 30.42
CA ALA B 160 -17.91 12.24 30.17
C ALA B 160 -18.29 11.15 29.17
N GLU B 161 -17.46 10.97 28.14
CA GLU B 161 -17.72 9.96 27.14
C GLU B 161 -17.51 8.55 27.72
N LEU B 162 -16.46 8.41 28.53
CA LEU B 162 -16.14 7.12 29.14
C LEU B 162 -17.26 6.63 30.06
N GLU B 163 -17.94 7.55 30.72
CA GLU B 163 -19.03 7.20 31.61
C GLU B 163 -20.24 6.76 30.79
N LYS B 164 -20.49 7.48 29.69
CA LYS B 164 -21.61 7.15 28.82
C LYS B 164 -21.40 5.77 28.22
N TRP B 165 -20.12 5.42 28.00
CA TRP B 165 -19.79 4.11 27.44
C TRP B 165 -20.06 3.04 28.49
N ALA B 166 -19.64 3.30 29.72
CA ALA B 166 -19.84 2.35 30.81
C ALA B 166 -21.32 2.15 31.09
N GLU B 167 -22.13 3.15 30.73
CA GLU B 167 -23.57 3.08 30.96
C GLU B 167 -24.38 2.57 29.78
N GLY B 168 -23.68 2.05 28.76
CA GLY B 168 -24.34 1.50 27.58
C GLY B 168 -24.95 2.47 26.58
N VAL B 169 -24.60 3.75 26.68
CA VAL B 169 -25.13 4.73 25.76
C VAL B 169 -24.70 4.48 24.31
N TYR B 170 -23.50 3.94 24.14
CA TYR B 170 -22.96 3.68 22.81
C TYR B 170 -23.12 2.24 22.32
N HIS B 171 -24.28 1.64 22.60
CA HIS B 171 -24.53 0.27 22.18
C HIS B 171 -24.67 0.21 20.67
N ASP B 172 -24.42 -0.96 20.08
CA ASP B 172 -24.56 -1.13 18.64
C ASP B 172 -26.03 -1.41 18.31
N MET C 21 26.17 2.97 -13.84
CA MET C 21 25.26 1.81 -13.86
C MET C 21 24.30 1.90 -15.05
N ASP C 22 23.84 0.74 -15.52
CA ASP C 22 22.92 0.69 -16.66
C ASP C 22 21.51 0.31 -16.23
N VAL C 23 20.53 0.81 -16.98
CA VAL C 23 19.12 0.53 -16.70
C VAL C 23 18.36 0.37 -18.02
N ILE C 24 17.63 -0.73 -18.15
CA ILE C 24 16.83 -0.99 -19.34
C ILE C 24 15.40 -0.57 -19.03
N ILE C 25 14.77 0.18 -19.93
CA ILE C 25 13.38 0.60 -19.71
C ILE C 25 12.51 0.39 -20.94
N GLY C 26 11.20 0.30 -20.71
CA GLY C 26 10.26 0.10 -21.80
C GLY C 26 8.84 0.30 -21.31
N ALA C 27 7.91 0.57 -22.23
CA ALA C 27 6.53 0.81 -21.84
C ALA C 27 5.54 0.64 -22.99
N ASP C 28 4.28 0.39 -22.64
CA ASP C 28 3.23 0.29 -23.65
C ASP C 28 2.62 1.69 -23.70
N LYS C 29 1.47 1.85 -24.33
CA LYS C 29 0.85 3.17 -24.43
C LYS C 29 0.43 3.80 -23.11
N ASP C 30 0.02 2.97 -22.15
CA ASP C 30 -0.41 3.48 -20.85
C ASP C 30 0.73 3.93 -19.95
N GLY C 31 1.88 3.27 -20.05
CA GLY C 31 2.99 3.64 -19.20
C GLY C 31 4.03 4.53 -19.87
N PHE C 32 3.81 4.85 -21.14
CA PHE C 32 4.76 5.67 -21.89
C PHE C 32 5.10 7.03 -21.25
N ALA C 33 4.07 7.76 -20.82
CA ALA C 33 4.27 9.07 -20.22
C ALA C 33 5.25 9.02 -19.04
N MET C 34 5.01 8.12 -18.09
CA MET C 34 5.89 8.02 -16.94
C MET C 34 7.26 7.54 -17.35
N LYS C 35 7.31 6.64 -18.33
CA LYS C 35 8.58 6.10 -18.80
C LYS C 35 9.45 7.25 -19.30
N GLU C 36 8.84 8.18 -20.02
CA GLU C 36 9.56 9.33 -20.55
C GLU C 36 10.07 10.22 -19.41
N GLN C 37 9.24 10.38 -18.37
CA GLN C 37 9.62 11.20 -17.22
C GLN C 37 10.78 10.57 -16.48
N VAL C 38 10.70 9.26 -16.27
CA VAL C 38 11.75 8.54 -15.57
C VAL C 38 13.05 8.52 -16.36
N LYS C 39 12.96 8.41 -17.68
CA LYS C 39 14.17 8.41 -18.49
C LYS C 39 14.94 9.71 -18.27
N LYS C 40 14.23 10.82 -18.34
CA LYS C 40 14.85 12.13 -18.12
C LYS C 40 15.45 12.17 -16.73
N TYR C 41 14.72 11.63 -15.75
CA TYR C 41 15.19 11.61 -14.38
C TYR C 41 16.50 10.83 -14.27
N LEU C 42 16.49 9.61 -14.79
CA LEU C 42 17.67 8.75 -14.76
C LEU C 42 18.88 9.37 -15.44
N GLU C 43 18.65 10.03 -16.58
CA GLU C 43 19.74 10.67 -17.30
C GLU C 43 20.36 11.78 -16.46
N GLU C 44 19.50 12.57 -15.82
CA GLU C 44 19.96 13.66 -14.97
C GLU C 44 20.76 13.16 -13.78
N HIS C 45 20.50 11.93 -13.35
CA HIS C 45 21.19 11.37 -12.19
C HIS C 45 22.29 10.37 -12.55
N GLN C 46 22.96 10.63 -13.67
CA GLN C 46 24.06 9.79 -14.13
C GLN C 46 23.67 8.32 -14.21
N TYR C 47 22.87 7.99 -15.21
CA TYR C 47 22.43 6.62 -15.43
C TYR C 47 22.39 6.38 -16.94
N ARG C 48 23.08 5.33 -17.39
CA ARG C 48 23.07 4.99 -18.80
C ARG C 48 21.81 4.18 -19.03
N VAL C 49 20.87 4.77 -19.76
CA VAL C 49 19.59 4.14 -20.02
C VAL C 49 19.43 3.56 -21.42
N ALA C 50 18.85 2.37 -21.49
CA ALA C 50 18.60 1.71 -22.76
C ALA C 50 17.08 1.63 -22.91
N ASP C 51 16.51 2.55 -23.67
CA ASP C 51 15.07 2.61 -23.91
C ASP C 51 14.72 1.74 -25.10
N VAL C 52 14.09 0.59 -24.84
CA VAL C 52 13.73 -0.32 -25.92
C VAL C 52 12.37 0.00 -26.56
N THR C 53 11.73 1.08 -26.11
CA THR C 53 10.44 1.47 -26.67
C THR C 53 10.38 2.98 -26.88
N PRO C 54 11.27 3.54 -27.72
CA PRO C 54 11.29 4.98 -28.00
C PRO C 54 9.89 5.46 -28.37
N GLU C 55 9.10 4.54 -28.91
CA GLU C 55 7.71 4.80 -29.25
C GLU C 55 6.96 3.72 -28.47
N PRO C 56 5.77 4.05 -27.93
CA PRO C 56 5.01 3.08 -27.16
C PRO C 56 4.77 1.73 -27.84
N ALA C 57 4.97 0.65 -27.09
CA ALA C 57 4.78 -0.70 -27.61
C ALA C 57 3.30 -0.94 -27.86
N GLU C 58 3.00 -1.95 -28.66
CA GLU C 58 1.62 -2.30 -28.99
C GLU C 58 0.83 -2.55 -27.70
N ASP C 59 1.42 -3.34 -26.82
CA ASP C 59 0.80 -3.65 -25.53
C ASP C 59 1.88 -4.02 -24.53
N PHE C 60 1.48 -4.35 -23.30
CA PHE C 60 2.46 -4.70 -22.27
C PHE C 60 3.20 -6.01 -22.52
N VAL C 61 2.62 -6.90 -23.33
CA VAL C 61 3.30 -8.16 -23.63
C VAL C 61 4.52 -7.82 -24.47
N GLU C 62 4.31 -7.00 -25.50
CA GLU C 62 5.40 -6.59 -26.39
C GLU C 62 6.47 -5.80 -25.65
N SER C 63 6.05 -4.86 -24.81
CA SER C 63 7.02 -4.05 -24.09
C SER C 63 7.80 -4.83 -23.05
N SER C 64 7.12 -5.68 -22.28
CA SER C 64 7.80 -6.46 -21.25
C SER C 64 8.78 -7.46 -21.86
N LEU C 65 8.40 -8.09 -22.96
CA LEU C 65 9.29 -9.05 -23.62
C LEU C 65 10.47 -8.34 -24.24
N ALA C 66 10.26 -7.11 -24.71
CA ALA C 66 11.33 -6.34 -25.32
C ALA C 66 12.38 -6.01 -24.26
N VAL C 67 11.91 -5.60 -23.08
CA VAL C 67 12.80 -5.28 -21.98
C VAL C 67 13.56 -6.52 -21.53
N THR C 68 12.85 -7.64 -21.41
CA THR C 68 13.45 -8.90 -20.99
C THR C 68 14.53 -9.36 -21.95
N LYS C 69 14.23 -9.32 -23.24
CA LYS C 69 15.18 -9.74 -24.26
C LYS C 69 16.46 -8.90 -24.16
N LYS C 70 16.30 -7.58 -24.12
CA LYS C 70 17.44 -6.68 -24.03
C LYS C 70 18.25 -6.91 -22.75
N LEU C 71 17.54 -7.21 -21.65
CA LEU C 71 18.20 -7.43 -20.38
C LEU C 71 19.01 -8.72 -20.36
N LEU C 72 18.37 -9.83 -20.73
CA LEU C 72 19.03 -11.12 -20.75
C LEU C 72 20.10 -11.21 -21.83
N ASN C 73 20.39 -10.09 -22.49
CA ASN C 73 21.39 -10.03 -23.54
C ASN C 73 22.45 -8.96 -23.28
N SER C 74 22.13 -8.03 -22.37
CA SER C 74 23.06 -6.95 -22.03
C SER C 74 23.83 -7.29 -20.77
N ASP C 75 24.71 -6.38 -20.35
CA ASP C 75 25.50 -6.58 -19.14
C ASP C 75 24.86 -5.84 -17.96
N ALA C 76 23.64 -5.37 -18.16
CA ALA C 76 22.91 -4.65 -17.11
C ALA C 76 22.07 -5.65 -16.34
N HIS C 77 21.78 -5.33 -15.08
CA HIS C 77 20.99 -6.22 -14.25
C HIS C 77 19.77 -5.52 -13.65
N LYS C 78 19.54 -4.29 -14.08
CA LYS C 78 18.40 -3.51 -13.61
C LYS C 78 17.53 -3.12 -14.79
N ALA C 79 16.21 -3.17 -14.60
CA ALA C 79 15.27 -2.82 -15.67
C ALA C 79 13.94 -2.37 -15.08
N ILE C 80 13.27 -1.48 -15.79
CA ILE C 80 11.98 -0.96 -15.34
C ILE C 80 10.95 -1.07 -16.46
N MET C 81 9.84 -1.74 -16.19
CA MET C 81 8.77 -1.88 -17.17
C MET C 81 7.61 -1.00 -16.74
N PHE C 82 7.07 -0.24 -17.67
CA PHE C 82 5.94 0.65 -17.38
C PHE C 82 4.70 0.26 -18.16
N ASP C 83 3.57 0.18 -17.46
CA ASP C 83 2.29 -0.12 -18.08
C ASP C 83 1.20 0.44 -17.17
N ARG C 84 -0.06 0.12 -17.43
CA ARG C 84 -1.12 0.68 -16.60
C ARG C 84 -1.25 0.11 -15.20
N TYR C 85 -1.16 -1.20 -15.07
CA TYR C 85 -1.34 -1.85 -13.76
C TYR C 85 -0.16 -2.64 -13.17
N GLY C 86 0.93 -2.74 -13.92
CA GLY C 86 2.10 -3.47 -13.44
C GLY C 86 1.95 -4.97 -13.57
N VAL C 87 0.82 -5.50 -13.10
CA VAL C 87 0.55 -6.93 -13.14
C VAL C 87 0.78 -7.58 -14.52
N GLY C 88 0.28 -6.95 -15.57
CA GLY C 88 0.44 -7.51 -16.91
C GLY C 88 1.88 -7.72 -17.33
N SER C 89 2.70 -6.69 -17.20
CA SER C 89 4.10 -6.81 -17.60
C SER C 89 4.82 -7.91 -16.82
N ALA C 90 4.52 -8.02 -15.53
CA ALA C 90 5.17 -9.05 -14.73
C ALA C 90 4.66 -10.43 -15.13
N MET C 91 3.35 -10.55 -15.32
CA MET C 91 2.73 -11.81 -15.70
C MET C 91 3.33 -12.31 -17.01
N ALA C 92 3.55 -11.39 -17.93
CA ALA C 92 4.11 -11.73 -19.25
C ALA C 92 5.59 -12.09 -19.21
N SER C 93 6.40 -11.17 -18.72
CA SER C 93 7.84 -11.40 -18.68
C SER C 93 8.27 -12.55 -17.79
N ASN C 94 7.48 -12.87 -16.76
CA ASN C 94 7.88 -13.98 -15.89
C ASN C 94 7.72 -15.34 -16.57
N LYS C 95 7.05 -15.36 -17.71
CA LYS C 95 6.86 -16.59 -18.47
C LYS C 95 8.15 -16.97 -19.17
N VAL C 96 9.04 -15.99 -19.32
CA VAL C 96 10.32 -16.22 -19.98
C VAL C 96 11.28 -16.96 -19.05
N LYS C 97 11.81 -18.09 -19.51
CA LYS C 97 12.73 -18.86 -18.69
C LYS C 97 13.92 -18.00 -18.24
N GLY C 98 14.16 -18.01 -16.94
CA GLY C 98 15.27 -17.24 -16.39
C GLY C 98 14.94 -15.83 -15.96
N MET C 99 13.78 -15.33 -16.38
CA MET C 99 13.41 -13.97 -16.02
C MET C 99 12.70 -13.92 -14.67
N VAL C 100 12.89 -12.81 -13.96
CA VAL C 100 12.26 -12.57 -12.67
C VAL C 100 11.87 -11.10 -12.65
N THR C 101 10.57 -10.85 -12.71
CA THR C 101 10.04 -9.49 -12.73
C THR C 101 9.13 -9.25 -11.55
N ALA C 102 9.37 -8.16 -10.83
CA ALA C 102 8.57 -7.83 -9.66
C ALA C 102 7.67 -6.61 -9.83
N VAL C 103 6.38 -6.79 -9.60
CA VAL C 103 5.46 -5.66 -9.65
C VAL C 103 5.79 -4.93 -8.36
N VAL C 104 5.95 -3.61 -8.42
CA VAL C 104 6.26 -2.88 -7.19
C VAL C 104 5.35 -1.68 -7.02
N GLU C 105 4.69 -1.63 -5.86
CA GLU C 105 3.75 -0.55 -5.53
C GLU C 105 4.13 0.15 -4.23
N GLU C 106 5.06 -0.44 -3.47
CA GLU C 106 5.46 0.22 -2.23
C GLU C 106 6.96 0.14 -2.01
N GLU C 107 7.44 0.93 -1.07
CA GLU C 107 8.87 1.07 -0.80
C GLU C 107 9.64 -0.07 -0.14
N ASN C 108 8.96 -1.06 0.43
CA ASN C 108 9.69 -2.16 1.05
C ASN C 108 10.08 -3.16 -0.02
N THR C 109 9.10 -3.57 -0.85
CA THR C 109 9.37 -4.52 -1.91
C THR C 109 10.41 -3.95 -2.87
N ALA C 110 10.37 -2.62 -3.04
CA ALA C 110 11.30 -1.94 -3.93
C ALA C 110 12.74 -2.41 -3.72
N HIS C 111 13.15 -2.57 -2.47
CA HIS C 111 14.50 -3.02 -2.18
C HIS C 111 14.59 -4.51 -1.86
N MET C 112 13.61 -5.05 -1.16
CA MET C 112 13.64 -6.46 -0.79
C MET C 112 13.64 -7.41 -1.99
N THR C 113 12.92 -7.07 -3.05
CA THR C 113 12.87 -7.94 -4.22
C THR C 113 14.23 -8.01 -4.89
N ALA C 114 15.00 -6.93 -4.77
CA ALA C 114 16.33 -6.89 -5.33
C ALA C 114 17.25 -7.68 -4.43
N GLU C 115 17.14 -7.44 -3.12
CA GLU C 115 18.00 -8.13 -2.15
C GLU C 115 17.80 -9.63 -2.12
N HIS C 116 16.54 -10.09 -2.10
CA HIS C 116 16.26 -11.52 -2.04
C HIS C 116 16.07 -12.21 -3.37
N ASN C 117 15.31 -11.60 -4.27
CA ASN C 117 15.07 -12.20 -5.58
C ASN C 117 16.06 -11.73 -6.63
N GLY C 118 16.01 -12.37 -7.80
CA GLY C 118 16.92 -11.98 -8.86
C GLY C 118 16.53 -10.60 -9.37
N ALA C 119 15.31 -10.18 -9.02
CA ALA C 119 14.77 -8.90 -9.42
C ALA C 119 15.48 -8.30 -10.64
N LYS C 120 15.29 -8.93 -11.79
CA LYS C 120 15.94 -8.46 -13.00
C LYS C 120 15.20 -7.25 -13.56
N ALA C 121 13.97 -7.07 -13.08
CA ALA C 121 13.18 -5.93 -13.50
C ALA C 121 12.01 -5.72 -12.56
N ILE C 122 11.57 -4.48 -12.46
CA ILE C 122 10.41 -4.17 -11.64
C ILE C 122 9.38 -3.60 -12.61
N ALA C 123 8.10 -3.84 -12.32
CA ALA C 123 7.03 -3.35 -13.16
C ALA C 123 6.20 -2.35 -12.37
N ILE C 124 5.98 -1.18 -12.97
CA ILE C 124 5.22 -0.13 -12.32
C ILE C 124 3.94 0.17 -13.12
N GLY C 125 2.81 0.20 -12.43
CA GLY C 125 1.55 0.50 -13.10
C GLY C 125 1.25 1.97 -12.90
N THR C 126 1.19 2.72 -14.00
CA THR C 126 0.93 4.16 -13.92
C THR C 126 -0.48 4.51 -13.44
N GLY C 127 -1.40 3.55 -13.49
CA GLY C 127 -2.74 3.80 -13.02
C GLY C 127 -2.85 3.49 -11.53
N ILE C 128 -1.79 2.90 -10.99
CA ILE C 128 -1.75 2.52 -9.59
C ILE C 128 -0.83 3.37 -8.73
N THR C 129 0.38 3.61 -9.23
CA THR C 129 1.40 4.35 -8.48
C THR C 129 1.69 5.75 -9.01
N GLY C 130 1.62 6.73 -8.10
CA GLY C 130 1.89 8.11 -8.48
C GLY C 130 3.36 8.31 -8.80
N TYR C 131 3.67 9.34 -9.57
CA TYR C 131 5.05 9.60 -9.98
C TYR C 131 6.08 9.78 -8.88
N ASP C 132 5.77 10.55 -7.85
CA ASP C 132 6.72 10.77 -6.76
C ASP C 132 7.03 9.46 -6.04
N ARG C 133 6.03 8.63 -5.84
CA ARG C 133 6.25 7.36 -5.18
C ARG C 133 7.06 6.45 -6.12
N ALA C 134 6.77 6.53 -7.41
CA ALA C 134 7.48 5.74 -8.40
C ALA C 134 8.98 6.02 -8.35
N LEU C 135 9.35 7.30 -8.21
CA LEU C 135 10.78 7.64 -8.15
C LEU C 135 11.46 7.06 -6.91
N VAL C 136 10.77 7.06 -5.77
CA VAL C 136 11.36 6.51 -4.55
C VAL C 136 11.52 5.00 -4.73
N ILE C 137 10.50 4.36 -5.29
CA ILE C 137 10.54 2.93 -5.55
C ILE C 137 11.71 2.59 -6.46
N ILE C 138 11.81 3.32 -7.57
CA ILE C 138 12.88 3.10 -8.52
C ILE C 138 14.25 3.30 -7.90
N GLN C 139 14.43 4.41 -7.18
CA GLN C 139 15.72 4.68 -6.57
C GLN C 139 16.13 3.56 -5.60
N ARG C 140 15.19 3.10 -4.78
CA ARG C 140 15.49 2.03 -3.83
C ARG C 140 15.89 0.74 -4.55
N TYR C 141 15.20 0.44 -5.64
CA TYR C 141 15.48 -0.75 -6.43
C TYR C 141 16.87 -0.66 -7.04
N LEU C 142 17.19 0.49 -7.63
CA LEU C 142 18.48 0.70 -8.25
C LEU C 142 19.66 0.73 -7.27
N ASP C 143 19.40 1.13 -6.03
CA ASP C 143 20.45 1.20 -5.02
C ASP C 143 20.66 -0.10 -4.24
N THR C 144 19.90 -1.14 -4.56
CA THR C 144 20.02 -2.39 -3.84
C THR C 144 20.59 -3.55 -4.64
N GLU C 145 21.56 -4.24 -4.05
CA GLU C 145 22.19 -5.37 -4.71
C GLU C 145 21.67 -6.70 -4.17
N TYR C 146 21.77 -7.74 -4.99
CA TYR C 146 21.33 -9.08 -4.62
C TYR C 146 22.24 -9.61 -3.52
N ALA C 147 21.64 -10.11 -2.44
CA ALA C 147 22.40 -10.63 -1.30
C ALA C 147 23.05 -11.99 -1.52
N GLY C 148 22.51 -12.78 -2.44
CA GLY C 148 23.07 -14.09 -2.69
C GLY C 148 22.92 -14.96 -1.46
N GLY C 149 23.86 -15.87 -1.25
CA GLY C 149 23.79 -16.74 -0.09
C GLY C 149 22.66 -17.75 -0.18
N ARG C 150 21.88 -17.86 0.90
CA ARG C 150 20.77 -18.80 0.97
C ARG C 150 19.69 -18.55 -0.08
N HIS C 151 19.52 -17.29 -0.48
CA HIS C 151 18.51 -16.93 -1.46
C HIS C 151 18.73 -17.58 -2.82
N GLN C 152 19.97 -17.96 -3.12
CA GLN C 152 20.28 -18.56 -4.41
C GLN C 152 19.50 -19.84 -4.69
N ILE C 153 19.18 -20.61 -3.66
CA ILE C 153 18.44 -21.84 -3.89
C ILE C 153 17.11 -21.54 -4.56
N ARG C 154 16.47 -20.47 -4.12
CA ARG C 154 15.18 -20.10 -4.69
C ARG C 154 15.32 -19.61 -6.13
N LEU C 155 16.37 -18.84 -6.42
CA LEU C 155 16.59 -18.35 -7.77
C LEU C 155 16.93 -19.51 -8.72
N ASP C 156 17.67 -20.50 -8.22
CA ASP C 156 18.00 -21.66 -9.05
C ASP C 156 16.72 -22.42 -9.37
N MET C 157 15.81 -22.47 -8.40
CA MET C 157 14.54 -23.15 -8.60
C MET C 157 13.72 -22.45 -9.67
N LEU C 158 13.62 -21.13 -9.55
CA LEU C 158 12.86 -20.32 -10.50
C LEU C 158 13.42 -20.40 -11.92
N GLU C 159 14.73 -20.24 -12.06
CA GLU C 159 15.35 -20.29 -13.37
C GLU C 159 15.19 -21.66 -14.03
N LYS C 160 14.90 -22.67 -13.22
CA LYS C 160 14.72 -24.03 -13.69
C LYS C 160 13.31 -24.24 -14.27
N MET C 161 12.39 -23.34 -13.94
CA MET C 161 11.02 -23.43 -14.40
C MET C 161 10.85 -22.75 -15.76
N ILE C 162 9.75 -23.06 -16.45
CA ILE C 162 9.48 -22.50 -17.77
C ILE C 162 9.26 -21.00 -17.79
N MET D 1 -16.78 -23.87 -4.84
CA MET D 1 -15.52 -23.56 -5.56
C MET D 1 -14.34 -23.96 -4.69
N ILE D 2 -13.24 -24.34 -5.33
CA ILE D 2 -12.05 -24.78 -4.62
C ILE D 2 -10.90 -23.81 -4.81
N ILE D 3 -10.32 -23.38 -3.69
CA ILE D 3 -9.21 -22.44 -3.72
C ILE D 3 -7.98 -23.13 -3.14
N ALA D 4 -6.90 -23.18 -3.92
CA ALA D 4 -5.66 -23.77 -3.43
C ALA D 4 -4.85 -22.60 -2.91
N ILE D 5 -4.20 -22.77 -1.75
CA ILE D 5 -3.41 -21.70 -1.19
C ILE D 5 -2.04 -22.21 -0.76
N GLY D 6 -1.04 -21.33 -0.85
CA GLY D 6 0.31 -21.70 -0.50
C GLY D 6 1.10 -20.52 0.02
N ASN D 7 2.22 -20.80 0.69
CA ASN D 7 3.01 -19.72 1.28
C ASN D 7 4.37 -20.20 1.74
N ASP D 8 5.29 -19.26 1.99
CA ASP D 8 6.58 -19.64 2.55
C ASP D 8 6.44 -19.36 4.05
N HIS D 9 7.47 -19.69 4.81
CA HIS D 9 7.48 -19.55 6.26
C HIS D 9 7.32 -18.16 6.85
N ILE D 10 7.58 -17.13 6.04
CA ILE D 10 7.48 -15.77 6.53
C ILE D 10 6.06 -15.29 6.77
N VAL D 11 5.11 -15.83 6.00
CA VAL D 11 3.72 -15.38 6.11
C VAL D 11 2.69 -16.45 6.44
N THR D 12 3.12 -17.52 7.12
CA THR D 12 2.20 -18.60 7.48
C THR D 12 1.00 -18.08 8.27
N MET D 13 1.23 -17.12 9.16
CA MET D 13 0.16 -16.56 9.98
C MET D 13 -0.88 -15.82 9.13
N GLN D 14 -0.41 -15.09 8.11
CA GLN D 14 -1.32 -14.38 7.25
C GLN D 14 -2.10 -15.37 6.40
N LYS D 15 -1.43 -16.47 6.01
CA LYS D 15 -2.09 -17.50 5.21
C LYS D 15 -3.21 -18.12 6.04
N ILE D 16 -2.95 -18.37 7.32
CA ILE D 16 -3.96 -18.95 8.18
C ILE D 16 -5.19 -18.03 8.25
N GLU D 17 -4.96 -16.72 8.35
CA GLU D 17 -6.08 -15.79 8.41
C GLU D 17 -6.93 -15.84 7.15
N ILE D 18 -6.29 -15.95 5.99
CA ILE D 18 -7.02 -16.01 4.74
C ILE D 18 -7.72 -17.36 4.58
N SER D 19 -7.08 -18.43 5.02
CA SER D 19 -7.68 -19.75 4.93
C SER D 19 -8.97 -19.75 5.76
N ASN D 20 -8.91 -19.18 6.95
CA ASN D 20 -10.06 -19.10 7.83
C ASN D 20 -11.19 -18.35 7.12
N MET D 21 -10.87 -17.19 6.55
CA MET D 21 -11.88 -16.37 5.87
C MET D 21 -12.54 -17.10 4.70
N LEU D 22 -11.73 -17.75 3.88
CA LEU D 22 -12.25 -18.48 2.73
C LEU D 22 -13.26 -19.54 3.18
N LYS D 23 -12.94 -20.26 4.25
CA LYS D 23 -13.84 -21.29 4.73
C LYS D 23 -15.14 -20.68 5.27
N ASP D 24 -15.04 -19.56 5.98
CA ASP D 24 -16.22 -18.90 6.50
C ASP D 24 -17.10 -18.45 5.34
N MET D 25 -16.46 -18.13 4.21
CA MET D 25 -17.17 -17.68 3.02
C MET D 25 -17.76 -18.84 2.20
N GLY D 26 -17.51 -20.06 2.65
CA GLY D 26 -18.06 -21.21 1.94
C GLY D 26 -17.17 -21.89 0.92
N TYR D 27 -15.94 -21.44 0.78
CA TYR D 27 -15.00 -22.03 -0.17
C TYR D 27 -14.35 -23.28 0.40
N THR D 28 -14.00 -24.21 -0.48
CA THR D 28 -13.29 -25.41 -0.08
C THR D 28 -11.84 -25.00 -0.28
N VAL D 29 -10.99 -25.28 0.70
CA VAL D 29 -9.59 -24.88 0.62
C VAL D 29 -8.63 -26.06 0.59
N ILE D 30 -7.64 -25.99 -0.31
CA ILE D 30 -6.59 -26.99 -0.39
C ILE D 30 -5.33 -26.21 0.01
N ASP D 31 -4.85 -26.44 1.23
CA ASP D 31 -3.68 -25.75 1.75
C ASP D 31 -2.43 -26.53 1.38
N GLU D 32 -1.61 -25.95 0.50
CA GLU D 32 -0.36 -26.56 0.01
C GLU D 32 0.88 -25.91 0.62
N GLY D 33 0.84 -24.58 0.72
CA GLY D 33 1.93 -23.77 1.27
C GLY D 33 2.45 -24.40 2.53
N THR D 34 3.56 -23.90 3.06
CA THR D 34 4.11 -24.50 4.26
C THR D 34 3.17 -24.35 5.47
N TYR D 35 3.15 -25.38 6.32
CA TYR D 35 2.26 -25.42 7.47
C TYR D 35 2.78 -24.85 8.79
N ASP D 36 4.09 -24.62 8.87
CA ASP D 36 4.68 -24.05 10.08
C ASP D 36 5.52 -22.84 9.67
N THR D 37 6.47 -22.41 10.50
CA THR D 37 7.28 -21.26 10.14
C THR D 37 8.77 -21.58 10.04
N HIS D 38 9.07 -22.84 9.75
CA HIS D 38 10.43 -23.33 9.59
C HIS D 38 10.92 -22.88 8.21
N ARG D 39 12.15 -22.36 8.15
CA ARG D 39 12.70 -21.89 6.89
C ARG D 39 12.56 -22.89 5.74
N THR D 40 11.86 -22.46 4.69
CA THR D 40 11.67 -23.29 3.51
C THR D 40 11.76 -22.41 2.25
N HIS D 41 11.34 -22.96 1.11
CA HIS D 41 11.50 -22.25 -0.15
C HIS D 41 10.24 -22.01 -0.95
N TYR D 42 9.94 -20.73 -1.20
CA TYR D 42 8.72 -20.37 -1.90
C TYR D 42 8.37 -21.08 -3.22
N PRO D 43 9.36 -21.41 -4.07
CA PRO D 43 8.99 -22.07 -5.32
C PRO D 43 8.25 -23.39 -5.16
N ILE D 44 8.55 -24.10 -4.08
CA ILE D 44 7.91 -25.39 -3.81
C ILE D 44 6.39 -25.26 -3.74
N TYR D 45 5.94 -24.29 -2.94
CA TYR D 45 4.52 -24.09 -2.73
C TYR D 45 3.85 -23.36 -3.88
N GLY D 46 4.61 -22.52 -4.57
CA GLY D 46 4.05 -21.83 -5.72
C GLY D 46 3.74 -22.85 -6.80
N LYS D 47 4.64 -23.81 -6.99
CA LYS D 47 4.44 -24.85 -7.98
C LYS D 47 3.27 -25.76 -7.62
N LYS D 48 3.16 -26.13 -6.34
CA LYS D 48 2.08 -26.99 -5.89
C LYS D 48 0.72 -26.33 -6.12
N VAL D 49 0.61 -25.04 -5.79
CA VAL D 49 -0.64 -24.32 -5.99
C VAL D 49 -0.95 -24.21 -7.49
N ALA D 50 0.07 -23.88 -8.28
CA ALA D 50 -0.10 -23.75 -9.71
C ALA D 50 -0.66 -25.03 -10.33
N GLU D 51 -0.06 -26.17 -10.00
CA GLU D 51 -0.52 -27.44 -10.56
C GLU D 51 -1.92 -27.81 -10.12
N ASP D 52 -2.32 -27.42 -8.92
CA ASP D 52 -3.67 -27.72 -8.47
C ASP D 52 -4.64 -27.02 -9.41
N VAL D 53 -4.35 -25.75 -9.73
CA VAL D 53 -5.21 -24.99 -10.61
C VAL D 53 -5.17 -25.49 -12.05
N ALA D 54 -3.97 -25.73 -12.55
CA ALA D 54 -3.80 -26.19 -13.92
C ALA D 54 -4.42 -27.55 -14.18
N ASP D 55 -4.34 -28.45 -13.19
CA ASP D 55 -4.89 -29.79 -13.35
C ASP D 55 -6.38 -29.91 -13.06
N GLY D 56 -6.97 -28.82 -12.58
CA GLY D 56 -8.40 -28.85 -12.28
C GLY D 56 -8.77 -29.28 -10.87
N ARG D 57 -7.78 -29.43 -10.00
CA ARG D 57 -8.06 -29.82 -8.63
C ARG D 57 -8.56 -28.62 -7.83
N ALA D 58 -8.23 -27.42 -8.30
CA ALA D 58 -8.67 -26.18 -7.67
C ALA D 58 -9.11 -25.24 -8.78
N ASP D 59 -10.05 -24.36 -8.47
CA ASP D 59 -10.55 -23.41 -9.47
C ASP D 59 -9.61 -22.21 -9.60
N LEU D 60 -9.10 -21.75 -8.47
CA LEU D 60 -8.20 -20.60 -8.40
C LEU D 60 -7.19 -20.83 -7.30
N GLY D 61 -6.10 -20.06 -7.35
CA GLY D 61 -5.08 -20.19 -6.34
C GLY D 61 -4.67 -18.85 -5.74
N ILE D 62 -4.15 -18.90 -4.52
CA ILE D 62 -3.66 -17.72 -3.84
C ILE D 62 -2.32 -18.10 -3.24
N VAL D 63 -1.29 -17.29 -3.47
CA VAL D 63 0.03 -17.58 -2.93
C VAL D 63 0.61 -16.35 -2.28
N MET D 64 1.33 -16.55 -1.17
CA MET D 64 1.92 -15.44 -0.46
C MET D 64 3.28 -15.73 0.12
N CYS D 65 4.13 -14.70 0.14
CA CYS D 65 5.43 -14.79 0.78
C CYS D 65 5.66 -13.38 1.31
N GLY D 66 6.84 -13.07 1.82
CA GLY D 66 7.07 -11.76 2.37
C GLY D 66 6.57 -10.63 1.49
N THR D 67 7.06 -10.59 0.26
CA THR D 67 6.66 -9.57 -0.70
C THR D 67 5.66 -10.11 -1.72
N GLY D 68 5.60 -11.43 -1.84
CA GLY D 68 4.71 -12.07 -2.79
C GLY D 68 5.38 -12.30 -4.14
N ILE D 69 6.46 -11.57 -4.40
CA ILE D 69 7.15 -11.68 -5.68
C ILE D 69 7.67 -13.09 -5.96
N GLY D 70 8.43 -13.65 -5.02
CA GLY D 70 8.97 -14.97 -5.23
C GLY D 70 7.94 -16.05 -5.54
N ILE D 71 6.99 -16.23 -4.63
CA ILE D 71 6.00 -17.28 -4.83
C ILE D 71 5.06 -17.05 -6.01
N SER D 72 4.70 -15.80 -6.28
CA SER D 72 3.80 -15.53 -7.41
C SER D 72 4.54 -15.73 -8.73
N THR D 73 5.85 -15.48 -8.74
CA THR D 73 6.65 -15.66 -9.95
C THR D 73 6.76 -17.16 -10.19
N ALA D 74 6.96 -17.92 -9.11
CA ALA D 74 7.04 -19.38 -9.25
C ALA D 74 5.72 -19.90 -9.78
N ALA D 75 4.60 -19.41 -9.26
CA ALA D 75 3.30 -19.87 -9.72
C ALA D 75 3.08 -19.55 -11.20
N ASP D 76 3.55 -18.39 -11.62
CA ASP D 76 3.38 -17.96 -13.01
C ASP D 76 4.15 -18.87 -13.98
N LYS D 77 5.29 -19.38 -13.52
CA LYS D 77 6.13 -20.24 -14.35
C LYS D 77 5.66 -21.69 -14.41
N ASN D 78 4.39 -21.87 -14.79
CA ASN D 78 3.78 -23.19 -14.92
C ASN D 78 2.74 -23.15 -16.02
N GLU D 79 2.54 -24.28 -16.69
CA GLU D 79 1.57 -24.37 -17.77
C GLU D 79 0.14 -24.12 -17.31
N GLY D 80 -0.63 -23.38 -18.11
CA GLY D 80 -2.02 -23.10 -17.80
C GLY D 80 -2.27 -22.02 -16.75
N ILE D 81 -1.21 -21.42 -16.24
CA ILE D 81 -1.35 -20.40 -15.21
C ILE D 81 -1.06 -18.96 -15.64
N ARG D 82 -1.86 -18.05 -15.10
CA ARG D 82 -1.69 -16.62 -15.31
C ARG D 82 -1.74 -16.08 -13.88
N ALA D 83 -0.56 -15.88 -13.29
CA ALA D 83 -0.47 -15.39 -11.92
C ALA D 83 -0.37 -13.87 -11.86
N ALA D 84 -1.19 -13.27 -11.01
CA ALA D 84 -1.21 -11.83 -10.85
C ALA D 84 -0.71 -11.40 -9.48
N MET D 85 0.41 -10.69 -9.46
CA MET D 85 1.00 -10.19 -8.22
C MET D 85 0.32 -8.86 -7.88
N CYS D 86 -0.57 -8.89 -6.90
CA CYS D 86 -1.35 -7.71 -6.54
C CYS D 86 -1.43 -7.36 -5.05
N ASP D 87 -0.78 -6.27 -4.66
CA ASP D 87 -0.85 -5.81 -3.27
C ASP D 87 -1.96 -4.76 -3.14
N ASP D 88 -2.84 -4.67 -4.14
CA ASP D 88 -3.93 -3.71 -4.11
C ASP D 88 -5.21 -4.27 -4.75
N VAL D 89 -6.36 -3.75 -4.35
CA VAL D 89 -7.64 -4.20 -4.88
C VAL D 89 -7.81 -3.87 -6.37
N THR D 90 -7.44 -2.65 -6.74
CA THR D 90 -7.60 -2.21 -8.12
C THR D 90 -6.98 -3.13 -9.19
N SER D 91 -5.69 -3.42 -9.06
CA SER D 91 -5.03 -4.27 -10.06
C SER D 91 -5.50 -5.73 -9.97
N ALA D 92 -5.93 -6.16 -8.79
CA ALA D 92 -6.40 -7.54 -8.62
C ALA D 92 -7.69 -7.74 -9.41
N VAL D 93 -8.57 -6.73 -9.36
CA VAL D 93 -9.84 -6.79 -10.08
C VAL D 93 -9.54 -6.76 -11.58
N TYR D 94 -8.57 -5.93 -11.98
CA TYR D 94 -8.19 -5.84 -13.39
C TYR D 94 -7.64 -7.19 -13.84
N ALA D 95 -6.82 -7.81 -12.99
CA ALA D 95 -6.22 -9.09 -13.30
C ALA D 95 -7.26 -10.17 -13.60
N ARG D 96 -8.32 -10.19 -12.81
CA ARG D 96 -9.37 -11.17 -12.97
C ARG D 96 -10.27 -10.84 -14.15
N GLU D 97 -10.72 -9.59 -14.21
CA GLU D 97 -11.62 -9.15 -15.28
C GLU D 97 -11.03 -9.09 -16.69
N GLN D 98 -9.78 -8.66 -16.80
CA GLN D 98 -9.14 -8.53 -18.10
C GLN D 98 -8.19 -9.65 -18.49
N LEU D 99 -7.41 -10.13 -17.54
CA LEU D 99 -6.43 -11.18 -17.84
C LEU D 99 -6.85 -12.57 -17.39
N ASN D 100 -8.04 -12.67 -16.83
CA ASN D 100 -8.57 -13.94 -16.34
C ASN D 100 -7.53 -14.68 -15.50
N ALA D 101 -6.78 -13.93 -14.71
CA ALA D 101 -5.74 -14.52 -13.87
C ALA D 101 -6.35 -15.59 -12.98
N ASN D 102 -5.68 -16.74 -12.86
CA ASN D 102 -6.20 -17.81 -12.03
C ASN D 102 -5.39 -18.05 -10.74
N VAL D 103 -4.38 -17.23 -10.51
CA VAL D 103 -3.58 -17.32 -9.29
C VAL D 103 -3.29 -15.89 -8.86
N LEU D 104 -3.60 -15.59 -7.60
CA LEU D 104 -3.39 -14.26 -7.02
C LEU D 104 -2.22 -14.33 -6.06
N GLY D 105 -1.29 -13.40 -6.19
CA GLY D 105 -0.14 -13.37 -5.29
C GLY D 105 -0.22 -12.12 -4.43
N ILE D 106 0.16 -12.23 -3.16
CA ILE D 106 0.13 -11.08 -2.25
C ILE D 106 1.31 -11.11 -1.30
N GLY D 107 1.82 -9.92 -0.95
CA GLY D 107 2.93 -9.82 -0.01
C GLY D 107 2.39 -9.77 1.42
N GLY D 108 2.44 -10.91 2.10
CA GLY D 108 1.92 -10.98 3.45
C GLY D 108 2.65 -10.18 4.50
N ALA D 109 3.86 -9.72 4.18
CA ALA D 109 4.62 -8.95 5.14
C ALA D 109 4.59 -7.46 4.84
N VAL D 110 4.03 -7.09 3.69
CA VAL D 110 3.95 -5.69 3.32
C VAL D 110 2.51 -5.16 3.30
N VAL D 111 1.54 -6.06 3.23
CA VAL D 111 0.13 -5.69 3.20
C VAL D 111 -0.49 -6.12 4.53
N GLY D 112 -1.27 -5.24 5.16
CA GLY D 112 -1.91 -5.57 6.42
C GLY D 112 -3.06 -6.54 6.18
N VAL D 113 -3.34 -7.40 7.17
CA VAL D 113 -4.39 -8.41 7.03
C VAL D 113 -5.75 -7.90 6.55
N HIS D 114 -6.20 -6.75 7.02
CA HIS D 114 -7.49 -6.22 6.59
C HIS D 114 -7.48 -5.94 5.09
N LEU D 115 -6.37 -5.41 4.58
CA LEU D 115 -6.27 -5.12 3.16
C LEU D 115 -6.09 -6.42 2.37
N ILE D 116 -5.39 -7.39 2.96
CA ILE D 116 -5.22 -8.67 2.27
C ILE D 116 -6.60 -9.27 2.07
N GLN D 117 -7.43 -9.23 3.12
CA GLN D 117 -8.78 -9.76 3.04
C GLN D 117 -9.56 -9.08 1.92
N ASP D 118 -9.40 -7.76 1.82
CA ASP D 118 -10.09 -6.99 0.78
C ASP D 118 -9.64 -7.35 -0.63
N ILE D 119 -8.33 -7.56 -0.80
CA ILE D 119 -7.79 -7.91 -2.10
C ILE D 119 -8.33 -9.28 -2.52
N VAL D 120 -8.30 -10.23 -1.59
CA VAL D 120 -8.79 -11.58 -1.88
C VAL D 120 -10.28 -11.57 -2.23
N LYS D 121 -11.09 -10.89 -1.43
CA LYS D 121 -12.52 -10.82 -1.71
C LYS D 121 -12.81 -10.18 -3.06
N ALA D 122 -12.12 -9.08 -3.36
CA ALA D 122 -12.33 -8.36 -4.61
C ALA D 122 -11.96 -9.24 -5.81
N TYR D 123 -10.83 -9.93 -5.69
CA TYR D 123 -10.36 -10.82 -6.75
C TYR D 123 -11.36 -11.96 -6.99
N LEU D 124 -11.86 -12.55 -5.92
CA LEU D 124 -12.80 -13.66 -6.03
C LEU D 124 -14.17 -13.22 -6.56
N ASP D 125 -14.60 -12.04 -6.15
CA ASP D 125 -15.89 -11.48 -6.58
C ASP D 125 -15.87 -11.08 -8.05
N ALA D 126 -14.70 -10.70 -8.55
CA ALA D 126 -14.56 -10.27 -9.93
C ALA D 126 -14.81 -11.42 -10.91
N THR D 127 -15.23 -11.07 -12.12
CA THR D 127 -15.50 -12.06 -13.15
C THR D 127 -14.78 -11.67 -14.45
N TYR D 128 -14.17 -12.65 -15.11
CA TYR D 128 -13.49 -12.39 -16.37
C TYR D 128 -14.50 -11.94 -17.41
N LYS D 129 -14.25 -10.78 -18.01
CA LYS D 129 -15.12 -10.20 -19.03
C LYS D 129 -14.40 -10.26 -20.38
N GLU D 130 -14.54 -11.38 -21.08
CA GLU D 130 -13.87 -11.56 -22.37
C GLU D 130 -14.26 -10.57 -23.46
N THR D 131 -13.24 -10.15 -24.21
CA THR D 131 -13.40 -9.23 -25.34
C THR D 131 -12.32 -9.66 -26.33
N PRO D 132 -12.47 -9.29 -27.61
CA PRO D 132 -11.43 -9.70 -28.57
C PRO D 132 -10.07 -9.14 -28.18
N GLU D 133 -10.08 -7.98 -27.52
CA GLU D 133 -8.86 -7.32 -27.08
C GLU D 133 -8.09 -8.13 -26.03
N ASN D 134 -8.75 -8.46 -24.91
CA ASN D 134 -8.07 -9.21 -23.87
C ASN D 134 -7.84 -10.67 -24.22
N LYS D 135 -8.66 -11.23 -25.12
CA LYS D 135 -8.45 -12.61 -25.51
C LYS D 135 -7.13 -12.71 -26.25
N LYS D 136 -6.80 -11.67 -27.00
CA LYS D 136 -5.56 -11.62 -27.76
C LYS D 136 -4.38 -11.53 -26.79
N LEU D 137 -4.53 -10.70 -25.76
CA LEU D 137 -3.47 -10.52 -24.76
C LEU D 137 -3.24 -11.83 -24.01
N ILE D 138 -4.32 -12.44 -23.55
CA ILE D 138 -4.25 -13.69 -22.82
C ILE D 138 -3.61 -14.80 -23.66
N ASP D 139 -4.04 -14.93 -24.91
CA ASP D 139 -3.47 -15.96 -25.78
C ASP D 139 -1.97 -15.77 -25.94
N LYS D 140 -1.54 -14.51 -26.10
CA LYS D 140 -0.12 -14.22 -26.24
C LYS D 140 0.59 -14.66 -24.97
N ILE D 141 0.00 -14.33 -23.82
CA ILE D 141 0.60 -14.69 -22.54
C ILE D 141 0.71 -16.20 -22.36
N ASP D 142 -0.31 -16.94 -22.78
CA ASP D 142 -0.31 -18.39 -22.65
C ASP D 142 0.69 -19.07 -23.58
N ASN D 143 1.22 -18.31 -24.53
CA ASN D 143 2.16 -18.88 -25.50
C ASN D 143 3.60 -18.42 -25.40
N ILE D 144 3.93 -17.65 -24.36
CA ILE D 144 5.28 -17.16 -24.19
C ILE D 144 6.27 -18.25 -23.78
N ALA D 145 5.91 -19.02 -22.76
CA ALA D 145 6.79 -20.08 -22.27
C ALA D 145 6.71 -21.34 -23.11
N LYS D 146 7.79 -22.11 -23.08
CA LYS D 146 7.86 -23.36 -23.83
C LYS D 146 7.67 -24.48 -22.82
N PRO D 147 6.58 -25.25 -22.96
CA PRO D 147 6.25 -26.38 -22.08
C PRO D 147 7.38 -27.38 -21.86
N ASN D 148 7.64 -27.69 -20.59
CA ASN D 148 8.68 -28.65 -20.23
C ASN D 148 8.02 -29.81 -19.51
N PRO D 149 7.86 -30.95 -20.21
CA PRO D 149 7.23 -32.14 -19.62
C PRO D 149 7.91 -32.65 -18.35
N ASP D 150 9.19 -32.33 -18.18
CA ASP D 150 9.93 -32.76 -17.00
C ASP D 150 9.50 -32.01 -15.74
N GLN D 151 8.88 -30.84 -15.92
CA GLN D 151 8.42 -30.06 -14.79
C GLN D 151 6.97 -30.38 -14.46
N LYS D 152 6.15 -30.44 -15.50
CA LYS D 152 4.72 -30.72 -15.35
C LYS D 152 4.40 -31.93 -14.49
N ASP D 153 3.73 -31.68 -13.37
CA ASP D 153 3.33 -32.72 -12.43
C ASP D 153 4.48 -33.59 -11.92
N ASN D 154 5.66 -32.99 -11.79
CA ASN D 154 6.83 -33.72 -11.30
C ASN D 154 7.14 -33.29 -9.88
N PRO D 155 6.73 -34.08 -8.88
CA PRO D 155 6.99 -33.76 -7.48
C PRO D 155 8.46 -33.71 -7.09
N HIS D 156 9.30 -34.46 -7.81
CA HIS D 156 10.73 -34.50 -7.52
C HIS D 156 11.51 -33.42 -8.27
N PHE D 157 10.79 -32.57 -8.99
CA PHE D 157 11.41 -31.51 -9.77
C PHE D 157 12.52 -30.71 -9.08
N PHE D 158 12.34 -30.41 -7.80
CA PHE D 158 13.34 -29.62 -7.06
C PHE D 158 14.26 -30.44 -6.16
N ASP D 159 14.14 -31.76 -6.21
CA ASP D 159 14.99 -32.62 -5.37
C ASP D 159 16.47 -32.26 -5.48
N ALA D 160 16.94 -32.03 -6.69
CA ALA D 160 18.34 -31.66 -6.92
C ALA D 160 18.76 -30.50 -6.03
N GLU D 161 17.96 -29.45 -6.01
CA GLU D 161 18.23 -28.26 -5.21
C GLU D 161 18.10 -28.51 -3.71
N LEU D 162 17.12 -29.33 -3.33
CA LEU D 162 16.91 -29.62 -1.92
C LEU D 162 18.09 -30.41 -1.35
N GLU D 163 18.64 -31.32 -2.15
CA GLU D 163 19.77 -32.12 -1.71
C GLU D 163 20.96 -31.19 -1.46
N LYS D 164 21.19 -30.28 -2.40
CA LYS D 164 22.28 -29.31 -2.26
C LYS D 164 22.09 -28.49 -0.99
N TRP D 165 20.84 -28.12 -0.73
CA TRP D 165 20.52 -27.34 0.47
C TRP D 165 20.89 -28.11 1.72
N ALA D 166 20.56 -29.40 1.73
CA ALA D 166 20.85 -30.25 2.88
C ALA D 166 22.36 -30.46 2.99
N GLU D 167 23.04 -30.34 1.86
CA GLU D 167 24.50 -30.53 1.81
C GLU D 167 25.24 -29.24 2.15
N GLY D 168 24.50 -28.20 2.51
CA GLY D 168 25.11 -26.94 2.86
C GLY D 168 25.67 -26.13 1.72
N VAL D 169 25.23 -26.44 0.50
CA VAL D 169 25.70 -25.73 -0.68
C VAL D 169 25.24 -24.27 -0.72
N TYR D 170 24.07 -24.02 -0.12
CA TYR D 170 23.50 -22.67 -0.12
C TYR D 170 23.68 -21.88 1.19
N HIS D 171 24.84 -22.03 1.83
CA HIS D 171 25.10 -21.32 3.09
C HIS D 171 25.22 -19.81 2.88
N ASP D 172 25.05 -19.06 3.95
CA ASP D 172 25.16 -17.60 3.89
C ASP D 172 26.57 -17.15 4.28
C1 RBL E . -10.12 4.18 13.54
C2 RBL E . -9.62 2.73 13.49
C3 RBL E . -9.90 1.80 14.67
O3 RBL E . -8.83 0.83 14.79
C4 RBL E . -11.26 1.06 14.46
O4 RBL E . -12.34 2.01 14.34
C5 RBL E . -11.58 0.09 15.64
O5 RBL E . -12.84 -0.56 15.40
O2 RBL E . -8.99 2.32 12.52
O1 RBL E . -9.75 4.90 12.35
C1 RBL F . 10.34 -13.82 -1.80
C2 RBL F . 9.97 -13.47 -0.37
C3 RBL F . 10.34 -14.42 0.77
O3 RBL F . 9.39 -14.27 1.85
C4 RBL F . 11.78 -14.13 1.29
O4 RBL F . 12.75 -14.27 0.23
C5 RBL F . 12.19 -15.09 2.45
O5 RBL F . 13.52 -14.77 2.89
O2 RBL F . 9.35 -12.43 -0.13
O1 RBL F . 9.90 -12.82 -2.73
#